data_5YZP
#
_entry.id   5YZP
#
_cell.length_a   57.930
_cell.length_b   104.210
_cell.length_c   90.420
_cell.angle_alpha   90.00
_cell.angle_beta   90.00
_cell.angle_gamma   90.00
#
_symmetry.space_group_name_H-M   'C 2 2 21'
#
loop_
_entity.id
_entity.type
_entity.pdbx_description
1 polymer Ifi204
2 non-polymer 1,2-ETHANEDIOL
3 non-polymer 'ACETATE ION'
4 water water
#
_entity_poly.entity_id   1
_entity_poly.type   'polypeptide(L)'
_entity_poly.pdbx_seq_one_letter_code
;GSVDQNIPRGAVLHSEPLTVMVLTATDPFEYESPEHEVKNMLHATVATVSQYFHVKVFNINLKEKFTKKNFIIISNYFES
KGILEINETSSVLEAAPDQMIEVPNSIIRNANASPKICDIQKGTSGAVFYGVFTLHKKTVNRKNTIYEIKDGSGSIEVVG
SGKWHNINCKEGDKLHLFCFHLKTIDRQPKLVCGEHSFIKISKRGNAAAS
;
_entity_poly.pdbx_strand_id   A
#
loop_
_chem_comp.id
_chem_comp.type
_chem_comp.name
_chem_comp.formula
ACT non-polymer 'ACETATE ION' 'C2 H3 O2 -1'
EDO non-polymer 1,2-ETHANEDIOL 'C2 H6 O2'
#
# COMPACT_ATOMS: atom_id res chain seq x y z
N GLY A 10 0.48 -9.13 -15.18
CA GLY A 10 -0.78 -9.64 -15.68
C GLY A 10 -1.92 -9.51 -14.68
N ALA A 11 -2.61 -8.38 -14.71
CA ALA A 11 -3.75 -8.16 -13.84
C ALA A 11 -4.98 -8.90 -14.36
N VAL A 12 -5.93 -9.11 -13.47
CA VAL A 12 -7.23 -9.66 -13.85
C VAL A 12 -8.28 -8.58 -13.63
N LEU A 13 -9.41 -8.72 -14.32
CA LEU A 13 -10.48 -7.74 -14.33
C LEU A 13 -11.67 -8.27 -13.56
N HIS A 14 -12.14 -7.48 -12.60
CA HIS A 14 -13.36 -7.79 -11.86
C HIS A 14 -14.49 -6.92 -12.40
N SER A 15 -15.44 -7.55 -13.10
CA SER A 15 -16.54 -6.83 -13.74
C SER A 15 -17.71 -6.55 -12.81
N GLU A 16 -17.87 -7.34 -11.73
CA GLU A 16 -19.11 -7.32 -10.96
C GLU A 16 -19.02 -6.32 -9.83
N PRO A 17 -20.16 -5.70 -9.48
CA PRO A 17 -20.17 -4.77 -8.34
C PRO A 17 -19.76 -5.47 -7.05
N LEU A 18 -18.97 -4.77 -6.26
CA LEU A 18 -18.57 -5.23 -4.93
C LEU A 18 -18.72 -4.06 -3.97
N THR A 19 -19.52 -4.24 -2.93
CA THR A 19 -19.69 -3.22 -1.90
C THR A 19 -18.56 -3.36 -0.87
N VAL A 20 -17.89 -2.25 -0.57
CA VAL A 20 -16.83 -2.24 0.43
C VAL A 20 -17.00 -1.03 1.33
N MET A 21 -16.47 -1.16 2.55
CA MET A 21 -16.33 -0.03 3.46
C MET A 21 -14.89 0.46 3.42
N VAL A 22 -14.71 1.77 3.23
CA VAL A 22 -13.37 2.35 3.22
C VAL A 22 -12.83 2.40 4.65
N LEU A 23 -11.62 1.89 4.85
CA LEU A 23 -10.97 1.91 6.16
C LEU A 23 -9.97 3.06 6.31
N THR A 24 -9.08 3.24 5.35
CA THR A 24 -8.04 4.26 5.40
C THR A 24 -7.77 4.75 3.99
N ALA A 25 -7.20 5.95 3.88
CA ALA A 25 -6.74 6.45 2.59
C ALA A 25 -5.64 7.48 2.79
N THR A 26 -4.61 7.42 1.95
CA THR A 26 -3.61 8.47 1.97
C THR A 26 -4.12 9.71 1.25
N ASP A 27 -3.41 10.83 1.45
CA ASP A 27 -3.56 11.97 0.57
C ASP A 27 -3.06 11.60 -0.82
N PRO A 28 -3.45 12.36 -1.85
CA PRO A 28 -2.87 12.15 -3.17
C PRO A 28 -1.37 12.39 -3.18
N PHE A 29 -0.66 11.65 -4.03
CA PHE A 29 0.77 11.87 -4.20
C PHE A 29 1.14 11.57 -5.64
N GLU A 30 2.26 12.12 -6.08
CA GLU A 30 2.69 11.95 -7.47
C GLU A 30 3.36 10.59 -7.68
N TYR A 31 3.10 9.99 -8.85
CA TYR A 31 3.78 8.77 -9.28
C TYR A 31 3.86 8.80 -10.80
N GLU A 32 4.69 7.92 -11.37
CA GLU A 32 4.79 7.84 -12.82
C GLU A 32 3.95 6.67 -13.33
N SER A 33 3.09 6.93 -14.31
CA SER A 33 2.26 5.92 -14.91
C SER A 33 3.06 5.04 -15.88
N PRO A 34 2.48 3.91 -16.31
CA PRO A 34 3.17 3.04 -17.28
C PRO A 34 3.38 3.68 -18.65
N GLU A 35 2.66 4.75 -18.97
CA GLU A 35 2.89 5.50 -20.19
C GLU A 35 3.93 6.59 -20.00
N HIS A 36 4.65 6.56 -18.87
CA HIS A 36 5.76 7.46 -18.57
C HIS A 36 5.29 8.90 -18.34
N GLU A 37 4.10 9.07 -17.78
CA GLU A 37 3.57 10.37 -17.40
C GLU A 37 3.37 10.44 -15.89
N VAL A 38 3.74 11.57 -15.28
CA VAL A 38 3.54 11.73 -13.84
C VAL A 38 2.11 12.20 -13.59
N LYS A 39 1.41 11.44 -12.74
CA LYS A 39 0.03 11.75 -12.37
C LYS A 39 -0.09 11.62 -10.86
N ASN A 40 -1.29 11.72 -10.34
CA ASN A 40 -1.52 11.55 -8.91
C ASN A 40 -2.31 10.28 -8.64
N MET A 41 -2.02 9.66 -7.50
CA MET A 41 -2.75 8.48 -7.03
C MET A 41 -2.86 8.57 -5.51
N LEU A 42 -3.64 7.65 -4.94
CA LEU A 42 -3.61 7.44 -3.50
C LEU A 42 -3.70 5.96 -3.20
N HIS A 43 -3.27 5.59 -1.99
CA HIS A 43 -3.40 4.25 -1.47
C HIS A 43 -4.58 4.20 -0.52
N ALA A 44 -5.37 3.14 -0.62
CA ALA A 44 -6.47 2.99 0.35
C ALA A 44 -6.55 1.56 0.83
N THR A 45 -7.26 1.36 1.94
CA THR A 45 -7.63 0.02 2.36
CA THR A 45 -7.63 0.03 2.40
C THR A 45 -9.14 -0.02 2.56
N VAL A 46 -9.75 -1.13 2.13
CA VAL A 46 -11.20 -1.29 2.17
C VAL A 46 -11.52 -2.68 2.69
N ALA A 47 -12.79 -2.89 3.05
CA ALA A 47 -13.18 -4.20 3.58
C ALA A 47 -14.54 -4.62 3.06
N THR A 48 -14.65 -5.92 2.75
CA THR A 48 -15.94 -6.57 2.60
C THR A 48 -16.33 -7.16 3.96
N VAL A 49 -17.45 -7.90 4.00
CA VAL A 49 -17.81 -8.57 5.26
C VAL A 49 -16.86 -9.70 5.58
N SER A 50 -16.04 -10.14 4.64
CA SER A 50 -15.16 -11.27 4.92
C SER A 50 -13.67 -10.97 4.84
N GLN A 51 -13.24 -9.88 4.19
CA GLN A 51 -11.83 -9.69 3.93
C GLN A 51 -11.52 -8.20 3.74
N TYR A 52 -10.30 -7.79 4.08
CA TYR A 52 -9.82 -6.47 3.70
C TYR A 52 -8.91 -6.57 2.48
N PHE A 53 -8.81 -5.45 1.76
CA PHE A 53 -7.96 -5.32 0.57
C PHE A 53 -7.21 -3.99 0.57
N HIS A 54 -5.96 -4.03 0.11
CA HIS A 54 -5.27 -2.82 -0.31
C HIS A 54 -5.75 -2.42 -1.70
N VAL A 55 -5.90 -1.10 -1.92
CA VAL A 55 -6.42 -0.58 -3.19
C VAL A 55 -5.50 0.54 -3.66
N LYS A 56 -5.11 0.50 -4.93
CA LYS A 56 -4.41 1.62 -5.55
C LYS A 56 -5.43 2.39 -6.37
N VAL A 57 -5.58 3.68 -6.10
CA VAL A 57 -6.60 4.49 -6.74
C VAL A 57 -5.92 5.47 -7.68
N PHE A 58 -6.11 5.28 -8.98
CA PHE A 58 -5.42 6.08 -9.98
C PHE A 58 -6.26 7.22 -10.54
N ASN A 59 -7.52 7.33 -10.12
CA ASN A 59 -8.39 8.43 -10.53
C ASN A 59 -8.59 9.30 -9.28
N ILE A 60 -7.80 10.37 -9.19
CA ILE A 60 -7.80 11.22 -8.01
C ILE A 60 -9.12 11.97 -7.81
N ASN A 61 -10.00 12.01 -8.81
CA ASN A 61 -11.33 12.56 -8.63
C ASN A 61 -12.16 11.74 -7.65
N LEU A 62 -11.74 10.53 -7.32
CA LEU A 62 -12.45 9.68 -6.37
C LEU A 62 -12.02 9.91 -4.94
N LYS A 63 -11.21 10.93 -4.66
CA LYS A 63 -10.62 11.04 -3.34
C LYS A 63 -11.67 11.24 -2.25
N GLU A 64 -12.77 11.94 -2.56
CA GLU A 64 -13.81 12.11 -1.55
C GLU A 64 -14.54 10.80 -1.27
N LYS A 65 -14.73 9.96 -2.29
CA LYS A 65 -15.36 8.66 -2.04
C LYS A 65 -14.48 7.76 -1.19
N PHE A 66 -13.16 7.91 -1.30
CA PHE A 66 -12.23 7.12 -0.49
C PHE A 66 -11.92 7.84 0.81
N THR A 67 -12.97 7.98 1.61
CA THR A 67 -12.91 8.58 2.93
C THR A 67 -13.30 7.51 3.95
N LYS A 68 -12.60 7.50 5.10
CA LYS A 68 -12.83 6.48 6.10
CA LYS A 68 -12.83 6.49 6.12
C LYS A 68 -14.31 6.41 6.49
N LYS A 69 -14.82 5.18 6.56
CA LYS A 69 -16.17 4.79 6.96
C LYS A 69 -17.21 5.02 5.88
N ASN A 70 -16.80 5.43 4.68
CA ASN A 70 -17.73 5.52 3.57
C ASN A 70 -17.98 4.12 2.98
N PHE A 71 -19.20 3.90 2.52
CA PHE A 71 -19.53 2.67 1.79
C PHE A 71 -19.62 2.97 0.30
N ILE A 72 -18.88 2.20 -0.50
CA ILE A 72 -18.81 2.42 -1.94
C ILE A 72 -18.99 1.08 -2.65
N ILE A 73 -19.36 1.16 -3.93
CA ILE A 73 -19.57 -0.03 -4.76
C ILE A 73 -18.62 0.09 -5.94
N ILE A 74 -17.68 -0.85 -6.05
CA ILE A 74 -16.67 -0.77 -7.10
C ILE A 74 -16.94 -1.84 -8.15
N SER A 75 -16.66 -1.50 -9.42
CA SER A 75 -16.79 -2.49 -10.49
C SER A 75 -15.84 -2.14 -11.61
N ASN A 76 -15.56 -3.13 -12.46
CA ASN A 76 -14.60 -2.97 -13.55
C ASN A 76 -13.26 -2.47 -13.02
N TYR A 77 -12.84 -3.05 -11.90
CA TYR A 77 -11.55 -2.79 -11.28
C TYR A 77 -10.62 -3.97 -11.51
N PHE A 78 -9.34 -3.75 -11.25
CA PHE A 78 -8.32 -4.72 -11.56
C PHE A 78 -7.73 -5.29 -10.28
N GLU A 79 -7.06 -6.44 -10.42
CA GLU A 79 -6.38 -7.06 -9.28
C GLU A 79 -5.04 -7.59 -9.76
N SER A 80 -3.98 -7.23 -9.05
CA SER A 80 -2.64 -7.75 -9.32
C SER A 80 -1.95 -8.03 -8.01
N LYS A 81 -1.42 -9.25 -7.86
CA LYS A 81 -0.74 -9.68 -6.63
C LYS A 81 -1.60 -9.45 -5.39
N GLY A 82 -2.91 -9.65 -5.53
CA GLY A 82 -3.84 -9.50 -4.44
C GLY A 82 -4.22 -8.07 -4.12
N ILE A 83 -3.70 -7.08 -4.86
CA ILE A 83 -3.99 -5.68 -4.61
CA ILE A 83 -3.97 -5.67 -4.62
C ILE A 83 -4.99 -5.21 -5.66
N LEU A 84 -6.01 -4.48 -5.22
CA LEU A 84 -7.00 -3.98 -6.16
C LEU A 84 -6.53 -2.66 -6.76
N GLU A 85 -6.93 -2.42 -8.02
CA GLU A 85 -6.53 -1.21 -8.73
C GLU A 85 -7.75 -0.60 -9.40
N ILE A 86 -7.93 0.70 -9.19
CA ILE A 86 -9.06 1.44 -9.73
C ILE A 86 -8.50 2.52 -10.65
N ASN A 87 -8.89 2.49 -11.91
CA ASN A 87 -8.43 3.55 -12.80
C ASN A 87 -9.65 4.26 -13.38
N GLU A 88 -9.41 5.13 -14.35
CA GLU A 88 -10.51 5.96 -14.84
C GLU A 88 -11.63 5.12 -15.43
N THR A 89 -11.29 3.98 -16.02
CA THR A 89 -12.31 3.13 -16.63
C THR A 89 -13.15 2.37 -15.63
N SER A 90 -12.76 2.35 -14.35
CA SER A 90 -13.53 1.67 -13.32
C SER A 90 -14.73 2.52 -12.90
N SER A 91 -15.68 1.88 -12.23
CA SER A 91 -16.84 2.57 -11.68
C SER A 91 -16.79 2.47 -10.16
N VAL A 92 -17.01 3.61 -9.50
CA VAL A 92 -17.03 3.65 -8.04
C VAL A 92 -18.24 4.49 -7.66
N LEU A 93 -19.28 3.84 -7.16
CA LEU A 93 -20.52 4.51 -6.81
C LEU A 93 -20.65 4.59 -5.30
N GLU A 94 -21.35 5.62 -4.83
CA GLU A 94 -21.72 5.67 -3.42
CA GLU A 94 -21.71 5.66 -3.42
C GLU A 94 -22.79 4.63 -3.15
N ALA A 95 -22.59 3.82 -2.11
CA ALA A 95 -23.63 2.89 -1.71
C ALA A 95 -24.83 3.65 -1.16
N ALA A 96 -26.02 3.19 -1.51
CA ALA A 96 -27.23 3.70 -0.90
C ALA A 96 -27.29 3.24 0.55
N PRO A 97 -28.07 3.94 1.40
CA PRO A 97 -28.16 3.49 2.81
C PRO A 97 -28.54 2.03 2.95
N ASP A 98 -29.44 1.52 2.11
CA ASP A 98 -29.83 0.12 2.21
C ASP A 98 -28.83 -0.82 1.57
N GLN A 99 -27.69 -0.31 1.09
CA GLN A 99 -26.63 -1.14 0.54
C GLN A 99 -25.44 -1.27 1.47
N MET A 100 -25.52 -0.74 2.69
CA MET A 100 -24.41 -0.88 3.63
C MET A 100 -24.20 -2.33 4.03
N ILE A 101 -22.98 -2.64 4.48
CA ILE A 101 -22.59 -3.97 4.91
C ILE A 101 -22.05 -3.89 6.33
N GLU A 102 -22.11 -5.02 7.04
CA GLU A 102 -21.64 -5.09 8.42
C GLU A 102 -20.25 -5.72 8.44
N VAL A 103 -19.23 -4.91 8.67
CA VAL A 103 -17.84 -5.35 8.64
C VAL A 103 -17.41 -5.66 10.07
N PRO A 104 -17.07 -6.91 10.38
CA PRO A 104 -16.61 -7.23 11.73
C PRO A 104 -15.33 -6.47 12.09
N ASN A 105 -15.23 -6.09 13.37
CA ASN A 105 -14.07 -5.33 13.81
C ASN A 105 -12.77 -6.13 13.69
N SER A 106 -12.86 -7.47 13.70
CA SER A 106 -11.66 -8.29 13.51
C SER A 106 -10.99 -8.01 12.16
N ILE A 107 -11.78 -7.78 11.11
CA ILE A 107 -11.20 -7.48 9.81
C ILE A 107 -10.45 -6.15 9.85
N ILE A 108 -11.03 -5.18 10.53
CA ILE A 108 -10.37 -3.87 10.65
C ILE A 108 -9.06 -4.01 11.42
N ARG A 109 -9.05 -4.83 12.47
CA ARG A 109 -7.83 -5.04 13.23
C ARG A 109 -6.77 -5.71 12.36
N ASN A 110 -7.17 -6.72 11.59
CA ASN A 110 -6.24 -7.35 10.65
C ASN A 110 -5.68 -6.34 9.67
N ALA A 111 -6.54 -5.48 9.11
CA ALA A 111 -6.08 -4.52 8.12
C ALA A 111 -5.01 -3.59 8.68
N ASN A 112 -5.11 -3.22 9.95
CA ASN A 112 -4.16 -2.27 10.53
C ASN A 112 -2.89 -2.94 11.03
N ALA A 113 -2.84 -4.27 11.06
CA ALA A 113 -1.67 -4.96 11.59
C ALA A 113 -0.54 -4.99 10.57
N SER A 114 0.67 -4.80 11.05
CA SER A 114 1.81 -4.90 10.15
C SER A 114 2.35 -6.33 10.14
N PRO A 115 2.92 -6.77 9.02
CA PRO A 115 3.57 -8.09 9.02
C PRO A 115 4.86 -8.03 9.81
N LYS A 116 5.25 -9.18 10.35
CA LYS A 116 6.55 -9.30 11.00
C LYS A 116 7.63 -9.40 9.95
N ILE A 117 8.78 -8.79 10.22
CA ILE A 117 9.88 -8.82 9.27
C ILE A 117 10.30 -10.26 8.95
N CYS A 118 10.26 -11.14 9.97
CA CYS A 118 10.62 -12.55 9.71
C CYS A 118 9.72 -13.18 8.66
N ASP A 119 8.46 -12.72 8.57
CA ASP A 119 7.54 -13.27 7.57
C ASP A 119 7.72 -12.58 6.23
N ILE A 120 8.11 -11.30 6.21
CA ILE A 120 8.51 -10.67 4.95
C ILE A 120 9.69 -11.42 4.35
N GLN A 121 10.65 -11.81 5.19
CA GLN A 121 11.85 -12.50 4.72
C GLN A 121 11.54 -13.85 4.07
N LYS A 122 10.37 -14.41 4.32
CA LYS A 122 9.98 -15.67 3.69
C LYS A 122 9.33 -15.50 2.33
N GLY A 123 9.12 -14.26 1.88
CA GLY A 123 8.32 -14.03 0.69
C GLY A 123 9.01 -14.46 -0.60
N THR A 124 8.17 -14.71 -1.61
CA THR A 124 8.66 -14.94 -2.96
C THR A 124 9.13 -13.64 -3.60
N SER A 125 10.04 -13.75 -4.55
CA SER A 125 10.48 -12.58 -5.29
C SER A 125 9.28 -11.87 -5.91
N GLY A 126 9.20 -10.57 -5.69
CA GLY A 126 8.11 -9.76 -6.19
C GLY A 126 6.91 -9.65 -5.27
N ALA A 127 6.89 -10.39 -4.16
CA ALA A 127 5.79 -10.25 -3.22
C ALA A 127 5.72 -8.83 -2.69
N VAL A 128 4.50 -8.35 -2.45
CA VAL A 128 4.26 -6.96 -2.07
C VAL A 128 3.91 -6.87 -0.59
N PHE A 129 4.48 -5.89 0.09
CA PHE A 129 4.25 -5.70 1.51
C PHE A 129 3.95 -4.24 1.84
N TYR A 130 3.19 -4.06 2.91
CA TYR A 130 2.86 -2.77 3.50
C TYR A 130 3.07 -2.89 5.01
N GLY A 131 3.39 -1.79 5.67
CA GLY A 131 3.43 -1.84 7.12
C GLY A 131 4.15 -0.65 7.70
N VAL A 132 4.16 -0.59 9.04
CA VAL A 132 4.80 0.49 9.79
C VAL A 132 5.95 -0.12 10.58
N PHE A 133 7.16 0.42 10.39
CA PHE A 133 8.34 -0.18 10.99
C PHE A 133 9.28 0.88 11.53
N THR A 134 10.01 0.52 12.59
CA THR A 134 11.00 1.41 13.19
C THR A 134 12.27 1.42 12.35
N LEU A 135 12.78 2.62 12.07
CA LEU A 135 14.03 2.76 11.35
C LEU A 135 15.19 2.55 12.32
N HIS A 136 16.04 1.58 12.02
CA HIS A 136 17.18 1.26 12.87
C HIS A 136 18.48 1.90 12.39
N LYS A 137 18.73 1.91 11.08
CA LYS A 137 19.93 2.51 10.54
C LYS A 137 19.63 3.02 9.14
N LYS A 138 20.24 4.14 8.79
CA LYS A 138 20.06 4.75 7.47
C LYS A 138 21.41 5.00 6.83
N THR A 139 21.58 4.52 5.60
CA THR A 139 22.80 4.73 4.82
C THR A 139 22.41 5.41 3.52
N VAL A 140 22.79 6.68 3.35
CA VAL A 140 22.45 7.44 2.16
C VAL A 140 23.58 7.24 1.16
N ASN A 141 23.30 6.49 0.10
CA ASN A 141 24.31 6.30 -0.93
C ASN A 141 24.16 7.35 -2.01
N ARG A 142 24.58 6.98 -3.21
CA ARG A 142 24.70 7.95 -4.27
C ARG A 142 23.45 8.03 -5.12
N LYS A 143 22.90 6.87 -5.46
CA LYS A 143 21.66 6.77 -6.21
C LYS A 143 20.51 6.26 -5.35
N ASN A 144 20.78 5.69 -4.19
CA ASN A 144 19.71 5.18 -3.35
C ASN A 144 20.07 5.32 -1.88
N THR A 145 19.10 4.97 -1.01
CA THR A 145 19.26 5.02 0.43
C THR A 145 18.82 3.68 0.99
N ILE A 146 19.60 3.17 1.95
CA ILE A 146 19.27 1.94 2.65
C ILE A 146 18.64 2.33 3.98
N TYR A 147 17.37 2.00 4.16
CA TYR A 147 16.67 2.16 5.43
C TYR A 147 16.58 0.79 6.08
N GLU A 148 17.42 0.53 7.08
CA GLU A 148 17.39 -0.74 7.79
C GLU A 148 16.31 -0.67 8.87
N ILE A 149 15.26 -1.48 8.71
CA ILE A 149 14.15 -1.49 9.67
C ILE A 149 14.24 -2.74 10.52
N LYS A 150 13.67 -2.67 11.71
CA LYS A 150 13.86 -3.72 12.70
C LYS A 150 12.61 -3.83 13.55
N ASP A 151 12.21 -5.08 13.84
CA ASP A 151 11.18 -5.35 14.83
C ASP A 151 11.68 -6.50 15.70
N GLY A 152 10.81 -7.03 16.54
CA GLY A 152 11.26 -8.11 17.43
C GLY A 152 11.55 -9.43 16.74
N SER A 153 11.25 -9.54 15.44
CA SER A 153 11.46 -10.81 14.73
C SER A 153 12.64 -10.80 13.79
N GLY A 154 13.26 -9.66 13.55
CA GLY A 154 14.40 -9.59 12.66
C GLY A 154 14.58 -8.18 12.11
N SER A 155 15.50 -8.08 11.13
CA SER A 155 15.86 -6.83 10.48
C SER A 155 15.88 -7.05 8.99
N ILE A 156 15.54 -6.00 8.23
CA ILE A 156 15.61 -6.09 6.77
C ILE A 156 15.96 -4.71 6.22
N GLU A 157 16.66 -4.69 5.08
CA GLU A 157 16.99 -3.45 4.42
C GLU A 157 15.88 -3.07 3.45
N VAL A 158 15.52 -1.80 3.45
CA VAL A 158 14.58 -1.20 2.51
C VAL A 158 15.39 -0.28 1.61
N VAL A 159 15.31 -0.50 0.29
CA VAL A 159 16.08 0.27 -0.68
C VAL A 159 15.15 1.32 -1.29
N GLY A 160 15.43 2.58 -1.02
CA GLY A 160 14.66 3.69 -1.57
C GLY A 160 15.47 4.41 -2.63
N SER A 161 14.82 4.67 -3.76
CA SER A 161 15.40 5.45 -4.84
C SER A 161 14.34 6.39 -5.37
N GLY A 162 14.73 7.27 -6.30
CA GLY A 162 13.79 8.22 -6.86
C GLY A 162 13.23 9.10 -5.75
N LYS A 163 11.90 9.13 -5.64
CA LYS A 163 11.26 9.94 -4.60
C LYS A 163 11.66 9.50 -3.20
N TRP A 164 12.12 8.27 -3.02
CA TRP A 164 12.39 7.73 -1.68
C TRP A 164 13.87 7.66 -1.39
N HIS A 165 14.69 8.31 -2.21
CA HIS A 165 16.10 8.48 -1.90
C HIS A 165 16.27 9.67 -0.96
N ASN A 166 17.01 9.45 0.14
CA ASN A 166 17.47 10.54 1.00
C ASN A 166 16.30 11.35 1.55
N ILE A 167 15.29 10.65 2.07
CA ILE A 167 14.15 11.35 2.65
C ILE A 167 14.51 11.83 4.05
N ASN A 168 13.70 12.76 4.56
CA ASN A 168 14.01 13.48 5.79
C ASN A 168 13.54 12.65 6.98
N CYS A 169 14.43 11.78 7.46
CA CYS A 169 14.11 10.93 8.60
C CYS A 169 15.39 10.65 9.37
N LYS A 170 15.22 10.20 10.61
CA LYS A 170 16.34 9.87 11.48
C LYS A 170 16.09 8.52 12.12
N GLU A 171 17.16 7.90 12.58
CA GLU A 171 17.04 6.61 13.26
C GLU A 171 16.15 6.76 14.47
N GLY A 172 15.21 5.82 14.63
CA GLY A 172 14.17 5.91 15.63
C GLY A 172 12.80 6.28 15.10
N ASP A 173 12.73 6.96 13.95
CA ASP A 173 11.45 7.28 13.35
C ASP A 173 10.76 6.00 12.89
N LYS A 174 9.44 6.10 12.71
CA LYS A 174 8.67 5.01 12.12
C LYS A 174 8.37 5.34 10.67
N LEU A 175 8.63 4.37 9.79
CA LEU A 175 8.35 4.51 8.36
C LEU A 175 7.11 3.67 8.04
N HIS A 176 6.09 4.30 7.49
CA HIS A 176 4.93 3.59 6.97
C HIS A 176 5.19 3.33 5.49
N LEU A 177 5.44 2.07 5.16
CA LEU A 177 5.75 1.65 3.80
C LEU A 177 4.48 1.17 3.12
N PHE A 178 4.27 1.65 1.89
CA PHE A 178 3.13 1.24 1.06
C PHE A 178 3.68 0.62 -0.22
N CYS A 179 3.31 -0.62 -0.48
CA CYS A 179 3.58 -1.26 -1.78
C CYS A 179 5.07 -1.28 -2.09
N PHE A 180 5.83 -1.90 -1.19
CA PHE A 180 7.20 -2.28 -1.49
C PHE A 180 7.25 -3.74 -1.89
N HIS A 181 8.32 -4.10 -2.61
N HIS A 181 8.27 -4.13 -2.64
CA HIS A 181 8.44 -5.40 -3.25
CA HIS A 181 8.27 -5.52 -3.07
C HIS A 181 9.65 -6.15 -2.70
C HIS A 181 9.61 -6.18 -2.79
N LEU A 182 9.52 -7.47 -2.55
CA LEU A 182 10.65 -8.27 -2.10
C LEU A 182 11.56 -8.61 -3.27
N LYS A 183 12.87 -8.44 -3.07
CA LYS A 183 13.89 -8.78 -4.05
C LYS A 183 15.09 -9.37 -3.32
N THR A 184 15.69 -10.40 -3.90
CA THR A 184 16.92 -10.98 -3.37
C THR A 184 18.11 -10.21 -3.92
N ILE A 185 18.91 -9.64 -3.03
CA ILE A 185 20.07 -8.85 -3.38
C ILE A 185 21.22 -9.31 -2.49
N ASP A 186 22.24 -9.90 -3.10
CA ASP A 186 23.40 -10.47 -2.38
C ASP A 186 22.97 -11.51 -1.35
N ARG A 187 22.22 -12.47 -1.83
CA ARG A 187 21.77 -13.57 -1.05
C ARG A 187 20.91 -13.23 0.13
N GLN A 188 20.29 -12.08 0.10
CA GLN A 188 19.59 -11.50 1.24
CA GLN A 188 19.58 -11.51 1.23
C GLN A 188 18.28 -10.90 0.76
N PRO A 189 17.16 -11.22 1.39
CA PRO A 189 15.90 -10.56 1.03
C PRO A 189 15.95 -9.10 1.42
N LYS A 190 15.51 -8.25 0.50
CA LYS A 190 15.35 -6.82 0.75
C LYS A 190 14.00 -6.36 0.23
N LEU A 191 13.50 -5.29 0.81
CA LEU A 191 12.34 -4.59 0.25
C LEU A 191 12.84 -3.46 -0.64
N VAL A 192 12.22 -3.31 -1.81
CA VAL A 192 12.67 -2.29 -2.76
C VAL A 192 11.46 -1.54 -3.26
N CYS A 193 11.68 -0.29 -3.64
CA CYS A 193 10.53 0.46 -4.09
C CYS A 193 10.19 0.10 -5.54
N GLY A 194 8.94 0.36 -5.90
CA GLY A 194 8.45 0.18 -7.25
C GLY A 194 7.63 1.38 -7.68
N GLU A 195 6.93 1.22 -8.80
CA GLU A 195 6.19 2.32 -9.43
C GLU A 195 5.23 3.01 -8.46
N HIS A 196 4.61 2.25 -7.56
CA HIS A 196 3.50 2.75 -6.75
C HIS A 196 3.87 2.84 -5.28
N SER A 197 5.17 2.73 -4.97
CA SER A 197 5.60 2.80 -3.58
C SER A 197 5.38 4.17 -2.98
N PHE A 198 5.19 4.21 -1.66
CA PHE A 198 4.95 5.43 -0.95
C PHE A 198 5.50 5.24 0.45
N ILE A 199 6.08 6.29 1.03
CA ILE A 199 6.55 6.26 2.41
C ILE A 199 5.97 7.46 3.14
N LYS A 200 5.58 7.22 4.39
CA LYS A 200 5.06 8.22 5.30
C LYS A 200 5.96 8.12 6.55
N ILE A 201 6.54 9.25 6.99
CA ILE A 201 7.43 9.25 8.13
C ILE A 201 6.65 9.69 9.35
N SER A 202 6.88 8.99 10.46
CA SER A 202 6.37 9.38 11.77
C SER A 202 7.57 9.67 12.66
N LYS A 203 7.75 10.94 13.02
CA LYS A 203 8.89 11.34 13.82
C LYS A 203 8.75 10.82 15.25
N ARG A 204 9.86 10.40 15.83
CA ARG A 204 9.88 9.95 17.22
C ARG A 204 11.02 10.60 17.99
C1 EDO B . 9.54 11.18 -20.71
O1 EDO B . 9.51 10.88 -19.32
C2 EDO B . 8.60 10.22 -21.42
O2 EDO B . 7.27 10.59 -21.10
C1 EDO C . 3.57 -2.08 -8.16
O1 EDO C . 2.20 -1.68 -7.99
C2 EDO C . 4.49 -0.87 -8.06
O2 EDO C . 4.97 -0.66 -6.74
C ACT D . -15.38 -10.54 -0.49
O ACT D . -14.44 -10.64 0.23
OXT ACT D . -16.50 -10.86 -0.15
CH3 ACT D . -15.12 -10.62 -1.95
C1 EDO E . -21.91 -6.99 -3.92
O1 EDO E . -21.07 -6.79 -2.78
C2 EDO E . -22.97 -5.89 -3.99
O2 EDO E . -22.43 -4.69 -4.57
#